data_4MLD
#
_entry.id   4MLD
#
_cell.length_a   90.850
_cell.length_b   90.850
_cell.length_c   140.250
_cell.angle_alpha   90.00
_cell.angle_beta   90.00
_cell.angle_gamma   120.00
#
_symmetry.space_group_name_H-M   'P 63'
#
_entity_poly.entity_id   1
_entity_poly.type   'polypeptide(L)'
_entity_poly.pdbx_seq_one_letter_code
;MKVLILEDVIEHQVRLERILDEISKESNIPISYKTTGKVREFEEYIENDEVNQLYFLEIDIHGIEKKGFEVAQLIRHYNP
YAIIVFITSRSEFATLTYKYQVSALDFVDKDINDEMFKKRIEQNIFYTKSMLLENEDHHHHHH
;
_entity_poly.pdbx_strand_id   A,B,C,D
#
# COMPACT_ATOMS: atom_id res chain seq x y z
N MET A 1 -23.20 5.67 -22.96
CA MET A 1 -22.62 6.36 -21.81
C MET A 1 -21.47 7.26 -22.24
N LYS A 2 -21.28 8.36 -21.50
CA LYS A 2 -20.22 9.32 -21.80
C LYS A 2 -19.05 9.19 -20.83
N VAL A 3 -17.84 9.24 -21.37
CA VAL A 3 -16.63 9.10 -20.55
C VAL A 3 -15.66 10.28 -20.75
N LEU A 4 -15.13 10.79 -19.65
CA LEU A 4 -14.11 11.85 -19.70
C LEU A 4 -12.75 11.34 -19.24
N ILE A 5 -11.72 11.66 -19.99
CA ILE A 5 -10.38 11.18 -19.68
C ILE A 5 -9.39 12.33 -19.48
N LEU A 6 -8.70 12.31 -18.34
CA LEU A 6 -7.64 13.27 -18.08
C LEU A 6 -6.29 12.59 -18.27
N GLU A 7 -5.64 12.88 -19.39
CA GLU A 7 -4.37 12.24 -19.73
C GLU A 7 -3.52 13.17 -20.59
N ASP A 8 -2.33 13.50 -20.12
CA ASP A 8 -1.46 14.43 -20.83
C ASP A 8 -0.39 13.71 -21.66
N VAL A 9 -0.42 12.38 -21.64
CA VAL A 9 0.50 11.58 -22.44
C VAL A 9 -0.25 10.76 -23.47
N ILE A 10 0.01 11.05 -24.74
CA ILE A 10 -0.75 10.50 -25.87
C ILE A 10 -0.81 8.97 -25.93
N GLU A 11 0.34 8.32 -25.73
CA GLU A 11 0.42 6.87 -25.88
C GLU A 11 -0.47 6.10 -24.90
N HIS A 12 -0.72 6.69 -23.73
CA HIS A 12 -1.63 6.07 -22.76
C HIS A 12 -3.07 6.40 -23.12
N GLN A 13 -3.28 7.59 -23.65
CA GLN A 13 -4.58 8.00 -24.14
C GLN A 13 -5.07 7.05 -25.22
N VAL A 14 -4.18 6.71 -26.15
CA VAL A 14 -4.55 5.83 -27.26
C VAL A 14 -4.72 4.39 -26.80
N ARG A 15 -3.91 3.96 -25.83
CA ARG A 15 -4.05 2.63 -25.25
C ARG A 15 -5.43 2.48 -24.64
N LEU A 16 -5.89 3.53 -23.97
CA LEU A 16 -7.18 3.50 -23.30
C LEU A 16 -8.34 3.62 -24.28
N GLU A 17 -8.26 4.60 -25.18
CA GLU A 17 -9.33 4.84 -26.15
C GLU A 17 -9.52 3.64 -27.07
N ARG A 18 -8.42 2.98 -27.41
CA ARG A 18 -8.46 1.76 -28.20
C ARG A 18 -9.24 0.68 -27.47
N ILE A 19 -8.96 0.53 -26.19
CA ILE A 19 -9.63 -0.46 -25.36
C ILE A 19 -11.11 -0.13 -25.16
N LEU A 20 -11.41 1.16 -24.99
CA LEU A 20 -12.79 1.61 -24.82
C LEU A 20 -13.63 1.27 -26.05
N ASP A 21 -12.99 1.23 -27.22
CA ASP A 21 -13.65 0.88 -28.46
C ASP A 21 -13.90 -0.62 -28.56
N GLU A 22 -12.90 -1.41 -28.14
CA GLU A 22 -13.01 -2.86 -28.17
C GLU A 22 -14.17 -3.35 -27.29
N ILE A 23 -14.26 -2.79 -26.09
CA ILE A 23 -15.34 -3.14 -25.18
C ILE A 23 -16.69 -2.73 -25.76
N SER A 24 -16.70 -1.59 -26.45
CA SER A 24 -17.92 -1.06 -27.05
C SER A 24 -18.45 -1.97 -28.16
N LYS A 25 -17.55 -2.74 -28.76
CA LYS A 25 -17.93 -3.67 -29.82
C LYS A 25 -18.19 -5.08 -29.26
N GLU A 26 -17.23 -5.58 -28.48
CA GLU A 26 -17.35 -6.91 -27.89
C GLU A 26 -18.59 -7.01 -27.01
N SER A 27 -18.64 -6.17 -25.98
CA SER A 27 -19.73 -6.18 -25.02
C SER A 27 -20.99 -5.50 -25.57
N ASN A 28 -20.85 -4.89 -26.76
CA ASN A 28 -21.93 -4.10 -27.37
C ASN A 28 -22.51 -3.07 -26.41
N ILE A 29 -21.72 -2.04 -26.11
CA ILE A 29 -22.17 -0.95 -25.24
C ILE A 29 -21.77 0.39 -25.85
N PRO A 30 -22.75 1.29 -26.05
CA PRO A 30 -22.47 2.61 -26.64
C PRO A 30 -21.58 3.47 -25.75
N ILE A 31 -20.30 3.55 -26.08
CA ILE A 31 -19.35 4.33 -25.29
C ILE A 31 -18.74 5.47 -26.09
N SER A 32 -18.91 6.69 -25.60
CA SER A 32 -18.34 7.87 -26.24
C SER A 32 -17.38 8.59 -25.30
N TYR A 33 -16.11 8.63 -25.67
CA TYR A 33 -15.07 9.17 -24.79
C TYR A 33 -14.47 10.49 -25.26
N LYS A 34 -14.05 11.30 -24.29
CA LYS A 34 -13.32 12.53 -24.56
C LYS A 34 -12.06 12.59 -23.71
N THR A 35 -10.91 12.83 -24.34
CA THR A 35 -9.64 12.85 -23.63
C THR A 35 -8.92 14.19 -23.82
N THR A 36 -8.28 14.67 -22.77
CA THR A 36 -7.45 15.87 -22.85
C THR A 36 -6.38 15.87 -21.77
N GLY A 37 -5.29 16.58 -22.04
CA GLY A 37 -4.23 16.74 -21.07
C GLY A 37 -4.25 18.16 -20.53
N LYS A 38 -5.23 18.93 -20.98
CA LYS A 38 -5.38 20.32 -20.58
C LYS A 38 -6.38 20.44 -19.44
N VAL A 39 -5.85 20.64 -18.23
CA VAL A 39 -6.66 20.68 -17.02
C VAL A 39 -7.84 21.64 -17.13
N ARG A 40 -7.63 22.77 -17.80
CA ARG A 40 -8.72 23.72 -17.97
C ARG A 40 -9.82 23.20 -18.87
N GLU A 41 -9.42 22.61 -20.00
CA GLU A 41 -10.38 22.03 -20.94
C GLU A 41 -11.18 20.94 -20.25
N PHE A 42 -10.51 20.16 -19.41
CA PHE A 42 -11.16 19.06 -18.72
C PHE A 42 -12.22 19.57 -17.75
N GLU A 43 -11.88 20.63 -17.02
CA GLU A 43 -12.79 21.23 -16.05
C GLU A 43 -14.04 21.82 -16.69
N GLU A 44 -13.89 22.38 -17.90
CA GLU A 44 -15.03 22.88 -18.66
C GLU A 44 -16.02 21.75 -18.89
N TYR A 45 -15.50 20.54 -19.07
CA TYR A 45 -16.33 19.36 -19.30
C TYR A 45 -16.97 18.87 -18.01
N ILE A 46 -16.57 19.44 -16.87
CA ILE A 46 -17.16 19.08 -15.58
C ILE A 46 -18.25 20.08 -15.20
N GLU A 47 -17.83 21.31 -14.89
CA GLU A 47 -18.75 22.36 -14.45
C GLU A 47 -19.86 22.59 -15.48
N ASN A 48 -19.45 22.93 -16.70
CA ASN A 48 -20.40 23.31 -17.74
C ASN A 48 -21.30 22.18 -18.23
N ASP A 49 -20.93 20.94 -17.95
CA ASP A 49 -21.80 19.81 -18.27
C ASP A 49 -21.69 18.66 -17.27
N GLU A 50 -22.81 18.37 -16.62
CA GLU A 50 -22.88 17.36 -15.57
C GLU A 50 -23.31 16.01 -16.16
N VAL A 51 -23.12 15.85 -17.47
CA VAL A 51 -23.65 14.69 -18.17
C VAL A 51 -22.82 13.39 -18.05
N ASN A 52 -21.50 13.52 -18.01
CA ASN A 52 -20.63 12.34 -17.94
C ASN A 52 -20.82 11.54 -16.65
N GLN A 53 -20.69 10.21 -16.76
CA GLN A 53 -20.84 9.33 -15.61
C GLN A 53 -19.50 8.78 -15.13
N LEU A 54 -18.63 8.44 -16.08
CA LEU A 54 -17.34 7.82 -15.75
C LEU A 54 -16.18 8.75 -16.05
N TYR A 55 -15.16 8.71 -15.19
CA TYR A 55 -13.98 9.55 -15.35
C TYR A 55 -12.69 8.77 -15.13
N PHE A 56 -11.82 8.77 -16.14
CA PHE A 56 -10.49 8.18 -16.01
C PHE A 56 -9.45 9.28 -15.82
N LEU A 57 -8.97 9.42 -14.60
CA LEU A 57 -8.00 10.46 -14.28
C LEU A 57 -6.59 9.90 -14.15
N GLU A 58 -5.63 10.61 -14.71
CA GLU A 58 -4.22 10.37 -14.38
C GLU A 58 -3.85 11.34 -13.26
N ILE A 59 -3.08 10.85 -12.29
CA ILE A 59 -2.75 11.66 -11.12
C ILE A 59 -1.66 12.68 -11.42
N ASP A 60 -0.52 12.18 -11.87
CA ASP A 60 0.64 13.00 -12.20
C ASP A 60 0.41 13.71 -13.53
N ILE A 61 0.25 15.03 -13.49
CA ILE A 61 -0.09 15.81 -14.67
C ILE A 61 0.74 17.10 -14.76
N HIS A 62 1.47 17.24 -15.85
CA HIS A 62 2.26 18.45 -16.13
C HIS A 62 3.17 18.86 -14.98
N GLY A 63 3.96 17.92 -14.48
CA GLY A 63 4.91 18.20 -13.41
C GLY A 63 4.28 18.26 -12.03
N ILE A 64 2.97 18.40 -11.97
CA ILE A 64 2.26 18.43 -10.69
C ILE A 64 1.62 17.08 -10.41
N GLU A 65 2.30 16.25 -9.63
CA GLU A 65 1.69 15.01 -9.17
C GLU A 65 0.56 15.38 -8.23
N LYS A 66 -0.43 14.50 -8.10
CA LYS A 66 -1.61 14.74 -7.26
C LYS A 66 -2.55 15.83 -7.81
N LYS A 67 -2.24 16.30 -9.02
CA LYS A 67 -3.10 17.23 -9.73
C LYS A 67 -4.41 16.50 -10.09
N GLY A 68 -4.28 15.23 -10.49
CA GLY A 68 -5.44 14.40 -10.75
C GLY A 68 -6.34 14.26 -9.53
N PHE A 69 -5.73 14.14 -8.35
CA PHE A 69 -6.46 14.10 -7.10
C PHE A 69 -7.27 15.38 -6.89
N GLU A 70 -6.66 16.53 -7.22
CA GLU A 70 -7.34 17.82 -7.11
C GLU A 70 -8.51 17.89 -8.08
N VAL A 71 -8.24 17.57 -9.35
CA VAL A 71 -9.26 17.57 -10.39
C VAL A 71 -10.38 16.58 -10.05
N ALA A 72 -10.01 15.50 -9.35
CA ALA A 72 -10.99 14.50 -8.94
C ALA A 72 -11.96 15.06 -7.91
N GLN A 73 -11.44 15.93 -7.04
CA GLN A 73 -12.29 16.59 -6.04
C GLN A 73 -13.29 17.49 -6.72
N LEU A 74 -12.85 18.09 -7.81
CA LEU A 74 -13.67 19.02 -8.58
C LEU A 74 -14.83 18.27 -9.24
N ILE A 75 -14.55 17.05 -9.68
CA ILE A 75 -15.57 16.20 -10.29
C ILE A 75 -16.62 15.85 -9.25
N ARG A 76 -16.15 15.38 -8.10
CA ARG A 76 -17.01 14.98 -7.00
C ARG A 76 -17.90 16.13 -6.52
N HIS A 77 -17.41 17.36 -6.66
CA HIS A 77 -18.17 18.53 -6.25
C HIS A 77 -19.26 18.91 -7.25
N TYR A 78 -18.88 19.07 -8.52
CA TYR A 78 -19.83 19.49 -9.55
C TYR A 78 -20.73 18.35 -10.00
N ASN A 79 -20.37 17.14 -9.59
CA ASN A 79 -21.16 15.95 -9.92
C ASN A 79 -20.90 14.90 -8.85
N PRO A 80 -21.71 14.91 -7.78
CA PRO A 80 -21.52 13.98 -6.66
C PRO A 80 -21.87 12.54 -7.02
N TYR A 81 -22.54 12.34 -8.15
CA TYR A 81 -22.94 11.01 -8.59
C TYR A 81 -21.91 10.43 -9.55
N ALA A 82 -20.80 11.14 -9.72
CA ALA A 82 -19.79 10.75 -10.69
C ALA A 82 -18.98 9.53 -10.25
N ILE A 83 -18.76 8.62 -11.20
CA ILE A 83 -17.89 7.47 -10.97
C ILE A 83 -16.46 7.85 -11.36
N ILE A 84 -15.59 7.92 -10.36
CA ILE A 84 -14.21 8.29 -10.59
C ILE A 84 -13.29 7.07 -10.56
N VAL A 85 -12.52 6.89 -11.63
CA VAL A 85 -11.52 5.83 -11.68
C VAL A 85 -10.15 6.42 -12.00
N PHE A 86 -9.15 6.00 -11.26
CA PHE A 86 -7.79 6.50 -11.45
C PHE A 86 -6.95 5.56 -12.31
N ILE A 87 -6.28 6.12 -13.31
CA ILE A 87 -5.34 5.37 -14.13
C ILE A 87 -4.00 6.06 -14.08
N THR A 88 -3.04 5.43 -13.42
CA THR A 88 -1.74 6.05 -13.22
C THR A 88 -0.63 5.01 -13.10
N SER A 89 0.61 5.48 -13.12
CA SER A 89 1.77 4.63 -12.98
C SER A 89 2.41 4.83 -11.61
N ARG A 90 1.97 5.87 -10.92
CA ARG A 90 2.40 6.12 -9.55
C ARG A 90 1.63 5.22 -8.60
N SER A 91 2.11 3.99 -8.44
CA SER A 91 1.41 2.97 -7.67
C SER A 91 1.30 3.35 -6.19
N GLU A 92 2.26 4.14 -5.72
CA GLU A 92 2.32 4.54 -4.33
C GLU A 92 1.18 5.47 -3.93
N PHE A 93 0.44 5.96 -4.91
CA PHE A 93 -0.68 6.87 -4.67
C PHE A 93 -1.98 6.14 -4.36
N ALA A 94 -1.95 4.81 -4.43
CA ALA A 94 -3.14 3.99 -4.24
C ALA A 94 -3.84 4.24 -2.91
N THR A 95 -3.04 4.45 -1.86
CA THR A 95 -3.59 4.68 -0.53
C THR A 95 -3.80 6.16 -0.22
N LEU A 96 -3.47 7.02 -1.19
CA LEU A 96 -3.59 8.46 -0.99
C LEU A 96 -4.90 9.03 -1.54
N THR A 97 -5.68 8.20 -2.20
CA THR A 97 -6.95 8.63 -2.79
C THR A 97 -7.93 9.07 -1.70
N TYR A 98 -7.86 8.42 -0.55
CA TYR A 98 -8.80 8.66 0.55
C TYR A 98 -8.63 10.05 1.17
N LYS A 99 -7.41 10.58 1.09
CA LYS A 99 -7.11 11.90 1.65
C LYS A 99 -7.90 13.01 0.97
N TYR A 100 -8.12 12.87 -0.33
CA TYR A 100 -8.79 13.89 -1.11
C TYR A 100 -10.31 13.74 -1.07
N GLN A 101 -10.78 12.78 -0.29
CA GLN A 101 -12.21 12.52 -0.09
C GLN A 101 -13.00 12.32 -1.37
N VAL A 102 -12.30 11.87 -2.41
CA VAL A 102 -12.96 11.36 -3.59
C VAL A 102 -13.34 9.92 -3.25
N SER A 103 -14.29 9.36 -3.98
CA SER A 103 -14.71 8.00 -3.72
C SER A 103 -14.46 7.17 -4.97
N ALA A 104 -13.19 6.93 -5.26
CA ALA A 104 -12.77 6.27 -6.48
C ALA A 104 -13.28 4.85 -6.53
N LEU A 105 -13.86 4.48 -7.68
CA LEU A 105 -14.32 3.11 -7.88
C LEU A 105 -13.11 2.18 -7.96
N ASP A 106 -12.08 2.63 -8.67
CA ASP A 106 -10.91 1.81 -8.90
C ASP A 106 -9.63 2.64 -9.00
N PHE A 107 -8.50 1.96 -8.99
CA PHE A 107 -7.19 2.59 -9.11
C PHE A 107 -6.34 1.64 -9.94
N VAL A 108 -6.17 1.96 -11.21
CA VAL A 108 -5.51 1.04 -12.14
C VAL A 108 -4.06 1.44 -12.41
N ASP A 109 -3.15 0.50 -12.18
CA ASP A 109 -1.75 0.68 -12.51
C ASP A 109 -1.58 0.58 -14.02
N LYS A 110 -0.93 1.57 -14.61
CA LYS A 110 -0.64 1.57 -16.04
C LYS A 110 0.35 0.49 -16.42
N ASP A 111 1.19 0.11 -15.47
CA ASP A 111 2.29 -0.83 -15.72
C ASP A 111 1.83 -2.27 -15.95
N ILE A 112 0.62 -2.61 -15.53
CA ILE A 112 0.13 -3.97 -15.70
C ILE A 112 -0.12 -4.31 -17.17
N ASN A 113 -0.08 -5.60 -17.50
CA ASN A 113 -0.22 -6.06 -18.88
C ASN A 113 -1.55 -5.65 -19.52
N ASP A 114 -1.58 -5.66 -20.86
CA ASP A 114 -2.74 -5.20 -21.61
C ASP A 114 -4.01 -6.01 -21.36
N GLU A 115 -3.86 -7.32 -21.20
CA GLU A 115 -5.00 -8.19 -20.98
C GLU A 115 -5.76 -7.81 -19.72
N MET A 116 -5.03 -7.75 -18.60
CA MET A 116 -5.63 -7.43 -17.31
C MET A 116 -5.99 -5.95 -17.23
N PHE A 117 -5.30 -5.12 -18.01
CA PHE A 117 -5.60 -3.71 -18.08
C PHE A 117 -6.95 -3.51 -18.76
N LYS A 118 -7.17 -4.25 -19.85
CA LYS A 118 -8.45 -4.21 -20.54
C LYS A 118 -9.56 -4.77 -19.65
N LYS A 119 -9.21 -5.77 -18.84
CA LYS A 119 -10.14 -6.39 -17.91
C LYS A 119 -10.68 -5.40 -16.89
N ARG A 120 -9.77 -4.68 -16.23
CA ARG A 120 -10.17 -3.73 -15.19
C ARG A 120 -10.84 -2.49 -15.77
N ILE A 121 -10.59 -2.19 -17.04
CA ILE A 121 -11.32 -1.13 -17.70
C ILE A 121 -12.74 -1.62 -18.01
N GLU A 122 -12.84 -2.90 -18.38
CA GLU A 122 -14.14 -3.54 -18.62
C GLU A 122 -14.99 -3.49 -17.36
N GLN A 123 -14.40 -3.88 -16.24
CA GLN A 123 -15.11 -3.95 -14.97
C GLN A 123 -15.68 -2.61 -14.56
N ASN A 124 -14.92 -1.54 -14.80
CA ASN A 124 -15.38 -0.20 -14.44
C ASN A 124 -16.51 0.27 -15.34
N ILE A 125 -16.51 -0.19 -16.58
CA ILE A 125 -17.56 0.16 -17.54
C ILE A 125 -18.84 -0.63 -17.26
N PHE A 126 -18.68 -1.91 -16.95
CA PHE A 126 -19.79 -2.77 -16.55
C PHE A 126 -20.48 -2.21 -15.32
N TYR A 127 -19.68 -1.85 -14.32
CA TYR A 127 -20.18 -1.23 -13.10
C TYR A 127 -20.99 0.02 -13.41
N THR A 128 -20.51 0.79 -14.38
CA THR A 128 -21.17 2.01 -14.80
C THR A 128 -22.54 1.73 -15.38
N LYS A 129 -22.62 0.76 -16.29
CA LYS A 129 -23.88 0.43 -16.95
C LYS A 129 -24.94 -0.06 -15.98
N SER A 130 -24.51 -0.91 -15.03
CA SER A 130 -25.43 -1.45 -14.03
C SER A 130 -25.92 -0.34 -13.12
N MET A 131 -25.03 0.59 -12.79
CA MET A 131 -25.37 1.72 -11.94
C MET A 131 -26.21 2.76 -12.68
N LEU A 132 -26.35 2.58 -13.99
CA LEU A 132 -27.23 3.41 -14.80
C LEU A 132 -28.64 2.83 -14.78
N LEU A 133 -28.91 1.97 -13.80
CA LEU A 133 -30.18 1.25 -13.68
C LEU A 133 -30.46 0.39 -14.91
N MET B 1 27.09 -17.74 -9.50
CA MET B 1 25.87 -17.21 -8.93
C MET B 1 24.72 -18.21 -9.02
N LYS B 2 24.11 -18.49 -7.87
CA LYS B 2 23.03 -19.49 -7.81
C LYS B 2 21.69 -18.84 -7.43
N VAL B 3 20.60 -19.46 -7.87
CA VAL B 3 19.26 -18.92 -7.61
C VAL B 3 18.26 -20.03 -7.27
N LEU B 4 17.51 -19.84 -6.19
CA LEU B 4 16.41 -20.74 -5.86
C LEU B 4 15.07 -20.09 -6.16
N ILE B 5 14.19 -20.82 -6.84
CA ILE B 5 12.90 -20.27 -7.24
C ILE B 5 11.73 -21.12 -6.74
N LEU B 6 10.95 -20.55 -5.83
CA LEU B 6 9.74 -21.21 -5.34
C LEU B 6 8.54 -20.72 -6.14
N GLU B 7 8.15 -21.51 -7.15
CA GLU B 7 7.01 -21.17 -8.00
C GLU B 7 6.15 -22.40 -8.30
N ASP B 8 4.90 -22.35 -7.87
CA ASP B 8 3.99 -23.49 -8.01
C ASP B 8 3.20 -23.49 -9.32
N VAL B 9 3.31 -22.39 -10.06
CA VAL B 9 2.60 -22.27 -11.33
C VAL B 9 3.59 -22.32 -12.50
N ILE B 10 3.40 -23.29 -13.38
CA ILE B 10 4.35 -23.58 -14.45
C ILE B 10 4.62 -22.40 -15.39
N GLU B 11 3.59 -21.60 -15.67
CA GLU B 11 3.70 -20.51 -16.62
C GLU B 11 4.67 -19.43 -16.15
N HIS B 12 4.54 -19.02 -14.90
CA HIS B 12 5.42 -17.99 -14.34
C HIS B 12 6.83 -18.54 -14.18
N GLN B 13 6.92 -19.84 -13.95
CA GLN B 13 8.19 -20.54 -13.84
C GLN B 13 8.97 -20.42 -15.14
N VAL B 14 8.30 -20.67 -16.26
CA VAL B 14 8.90 -20.54 -17.58
C VAL B 14 9.32 -19.09 -17.82
N ARG B 15 8.43 -18.17 -17.50
CA ARG B 15 8.67 -16.75 -17.66
C ARG B 15 9.97 -16.31 -17.01
N LEU B 16 10.08 -16.54 -15.71
CA LEU B 16 11.26 -16.14 -14.94
C LEU B 16 12.52 -16.87 -15.38
N GLU B 17 12.41 -18.17 -15.63
CA GLU B 17 13.55 -18.97 -16.06
C GLU B 17 14.11 -18.46 -17.39
N ARG B 18 13.22 -18.05 -18.27
CA ARG B 18 13.62 -17.48 -19.56
C ARG B 18 14.36 -16.16 -19.36
N ILE B 19 13.80 -15.30 -18.52
CA ILE B 19 14.40 -14.00 -18.21
C ILE B 19 15.81 -14.17 -17.68
N LEU B 20 15.97 -15.15 -16.78
CA LEU B 20 17.29 -15.47 -16.25
C LEU B 20 18.21 -15.99 -17.34
N ASP B 21 17.66 -16.77 -18.26
CA ASP B 21 18.43 -17.24 -19.41
C ASP B 21 18.92 -16.06 -20.23
N GLU B 22 17.99 -15.17 -20.56
CA GLU B 22 18.29 -13.99 -21.37
C GLU B 22 19.31 -13.07 -20.69
N ILE B 23 19.05 -12.69 -19.45
CA ILE B 23 19.96 -11.82 -18.69
C ILE B 23 21.36 -12.44 -18.58
N SER B 24 21.41 -13.75 -18.36
CA SER B 24 22.67 -14.46 -18.27
C SER B 24 23.46 -14.35 -19.57
N LYS B 25 22.74 -14.40 -20.70
CA LYS B 25 23.35 -14.29 -22.01
C LYS B 25 23.73 -12.84 -22.31
N GLU B 26 22.72 -11.98 -22.31
CA GLU B 26 22.88 -10.57 -22.68
C GLU B 26 23.99 -9.84 -21.91
N SER B 27 23.89 -9.84 -20.59
CA SER B 27 24.84 -9.12 -19.76
C SER B 27 26.03 -10.00 -19.37
N ASN B 28 26.11 -11.19 -19.96
CA ASN B 28 27.19 -12.13 -19.72
C ASN B 28 27.38 -12.46 -18.24
N ILE B 29 26.39 -13.13 -17.66
CA ILE B 29 26.42 -13.52 -16.25
C ILE B 29 26.19 -15.02 -16.06
N PRO B 30 27.07 -15.69 -15.31
CA PRO B 30 26.78 -17.09 -14.93
C PRO B 30 25.57 -17.12 -14.00
N ILE B 31 24.48 -17.71 -14.44
CA ILE B 31 23.27 -17.83 -13.62
C ILE B 31 22.78 -19.27 -13.56
N SER B 32 23.02 -19.93 -12.43
CA SER B 32 22.51 -21.28 -12.22
C SER B 32 21.29 -21.22 -11.31
N TYR B 33 20.18 -21.81 -11.75
CA TYR B 33 18.97 -21.79 -10.94
C TYR B 33 18.29 -23.14 -10.85
N LYS B 34 17.58 -23.35 -9.76
CA LYS B 34 16.73 -24.53 -9.59
C LYS B 34 15.35 -24.04 -9.22
N THR B 35 14.32 -24.61 -9.85
CA THR B 35 12.96 -24.23 -9.54
C THR B 35 12.16 -25.41 -9.02
N THR B 36 11.25 -25.15 -8.10
CA THR B 36 10.37 -26.18 -7.59
C THR B 36 9.03 -25.58 -7.16
N GLY B 37 7.95 -26.31 -7.40
CA GLY B 37 6.61 -25.85 -7.07
C GLY B 37 6.16 -26.36 -5.72
N LYS B 38 6.99 -27.18 -5.10
CA LYS B 38 6.65 -27.79 -3.81
C LYS B 38 7.51 -27.26 -2.66
N VAL B 39 6.85 -26.70 -1.66
CA VAL B 39 7.49 -26.12 -0.47
C VAL B 39 8.50 -27.06 0.19
N ARG B 40 8.12 -28.34 0.31
CA ARG B 40 8.95 -29.31 1.00
C ARG B 40 10.30 -29.52 0.33
N GLU B 41 10.29 -29.67 -1.00
CA GLU B 41 11.52 -29.85 -1.75
C GLU B 41 12.39 -28.60 -1.67
N PHE B 42 11.73 -27.45 -1.71
CA PHE B 42 12.41 -26.16 -1.62
C PHE B 42 13.11 -26.01 -0.27
N GLU B 43 12.41 -26.41 0.79
CA GLU B 43 12.96 -26.34 2.15
C GLU B 43 14.22 -27.18 2.29
N GLU B 44 14.33 -28.22 1.46
CA GLU B 44 15.50 -29.09 1.51
C GLU B 44 16.66 -28.43 0.78
N TYR B 45 16.34 -27.69 -0.28
CA TYR B 45 17.36 -26.98 -1.06
C TYR B 45 18.13 -25.98 -0.20
N ILE B 46 17.51 -25.48 0.85
CA ILE B 46 18.20 -24.58 1.77
C ILE B 46 18.83 -25.33 2.92
N GLU B 47 18.09 -26.25 3.53
CA GLU B 47 18.59 -27.01 4.68
C GLU B 47 19.82 -27.86 4.36
N ASN B 48 20.16 -27.93 3.07
CA ASN B 48 21.42 -28.53 2.63
C ASN B 48 22.36 -27.46 2.11
N ASP B 49 21.80 -26.34 1.68
CA ASP B 49 22.58 -25.31 1.01
C ASP B 49 22.35 -23.86 1.50
N GLU B 50 23.45 -23.21 1.84
CA GLU B 50 23.47 -21.78 2.12
C GLU B 50 24.20 -21.08 0.98
N VAL B 51 24.48 -21.90 -0.04
CA VAL B 51 25.24 -21.49 -1.21
C VAL B 51 24.45 -20.62 -2.21
N ASN B 52 23.12 -20.71 -2.15
CA ASN B 52 22.27 -19.87 -2.99
C ASN B 52 22.24 -18.42 -2.53
N GLN B 53 22.59 -17.51 -3.43
CA GLN B 53 22.56 -16.09 -3.11
C GLN B 53 21.14 -15.57 -3.23
N LEU B 54 20.63 -15.57 -4.46
CA LEU B 54 19.33 -14.99 -4.75
C LEU B 54 18.20 -16.00 -4.57
N TYR B 55 17.11 -15.55 -3.96
CA TYR B 55 15.92 -16.38 -3.79
C TYR B 55 14.70 -15.67 -4.37
N PHE B 56 14.03 -16.32 -5.32
CA PHE B 56 12.78 -15.78 -5.85
C PHE B 56 11.60 -16.59 -5.32
N LEU B 57 10.77 -15.94 -4.51
CA LEU B 57 9.69 -16.62 -3.80
C LEU B 57 8.32 -16.06 -4.16
N GLU B 58 7.43 -16.94 -4.61
CA GLU B 58 6.02 -16.60 -4.69
C GLU B 58 5.48 -16.75 -3.27
N ILE B 59 4.44 -15.99 -2.93
CA ILE B 59 3.91 -15.98 -1.57
C ILE B 59 2.69 -16.90 -1.44
N ASP B 60 1.66 -16.61 -2.24
CA ASP B 60 0.46 -17.43 -2.28
C ASP B 60 0.72 -18.67 -3.14
N ILE B 61 0.76 -19.83 -2.51
CA ILE B 61 1.12 -21.07 -3.20
C ILE B 61 0.33 -22.28 -2.70
N HIS B 62 -0.40 -22.90 -3.62
CA HIS B 62 -1.22 -24.08 -3.33
C HIS B 62 -2.31 -23.84 -2.30
N GLY B 63 -2.98 -22.69 -2.40
CA GLY B 63 -4.09 -22.38 -1.52
C GLY B 63 -3.67 -21.68 -0.25
N ILE B 64 -2.44 -21.91 0.16
CA ILE B 64 -1.90 -21.25 1.35
C ILE B 64 -1.22 -19.94 0.97
N GLU B 65 -1.97 -18.83 1.10
CA GLU B 65 -1.38 -17.52 0.95
C GLU B 65 -0.44 -17.31 2.13
N LYS B 66 0.50 -16.38 1.99
CA LYS B 66 1.47 -16.08 3.06
C LYS B 66 2.41 -17.26 3.37
N LYS B 67 2.43 -18.26 2.50
CA LYS B 67 3.33 -19.39 2.68
C LYS B 67 4.76 -18.97 2.37
N GLY B 68 4.92 -18.24 1.27
CA GLY B 68 6.21 -17.71 0.87
C GLY B 68 6.86 -16.88 1.96
N PHE B 69 6.04 -16.21 2.76
CA PHE B 69 6.53 -15.47 3.92
C PHE B 69 7.14 -16.42 4.93
N GLU B 70 6.43 -17.50 5.24
CA GLU B 70 6.88 -18.49 6.19
C GLU B 70 8.16 -19.15 5.70
N VAL B 71 8.22 -19.43 4.41
CA VAL B 71 9.42 -19.99 3.79
C VAL B 71 10.58 -19.00 3.89
N ALA B 72 10.28 -17.73 3.62
CA ALA B 72 11.29 -16.67 3.67
C ALA B 72 11.90 -16.51 5.05
N GLN B 73 11.11 -16.73 6.10
CA GLN B 73 11.62 -16.66 7.45
C GLN B 73 12.62 -17.78 7.71
N LEU B 74 12.33 -18.96 7.15
CA LEU B 74 13.22 -20.10 7.25
C LEU B 74 14.53 -19.82 6.52
N ILE B 75 14.42 -19.19 5.35
CA ILE B 75 15.58 -18.82 4.54
C ILE B 75 16.51 -17.90 5.32
N ARG B 76 15.94 -16.89 5.97
CA ARG B 76 16.71 -15.94 6.76
C ARG B 76 17.35 -16.60 7.97
N HIS B 77 16.65 -17.57 8.54
CA HIS B 77 17.15 -18.27 9.72
C HIS B 77 18.44 -19.03 9.42
N TYR B 78 18.46 -19.73 8.28
CA TYR B 78 19.65 -20.43 7.86
C TYR B 78 20.67 -19.43 7.33
N ASN B 79 20.21 -18.47 6.52
CA ASN B 79 21.11 -17.42 6.03
C ASN B 79 20.65 -16.01 6.38
N PRO B 80 21.39 -15.33 7.26
CA PRO B 80 21.10 -13.92 7.50
C PRO B 80 21.30 -13.10 6.22
N TYR B 81 22.24 -13.54 5.38
CA TYR B 81 22.65 -12.76 4.22
C TYR B 81 21.81 -13.05 2.99
N ALA B 82 20.96 -14.07 3.06
CA ALA B 82 20.17 -14.49 1.91
C ALA B 82 19.38 -13.34 1.31
N ILE B 83 19.57 -13.12 0.01
CA ILE B 83 18.84 -12.07 -0.70
C ILE B 83 17.48 -12.60 -1.14
N ILE B 84 16.43 -12.13 -0.49
CA ILE B 84 15.09 -12.62 -0.72
C ILE B 84 14.28 -11.66 -1.56
N VAL B 85 13.78 -12.14 -2.69
CA VAL B 85 12.92 -11.34 -3.56
C VAL B 85 11.59 -12.06 -3.74
N PHE B 86 10.50 -11.33 -3.57
CA PHE B 86 9.17 -11.90 -3.77
C PHE B 86 8.64 -11.58 -5.16
N ILE B 87 7.88 -12.52 -5.72
CA ILE B 87 7.21 -12.32 -7.00
C ILE B 87 5.79 -12.85 -6.89
N THR B 88 4.80 -11.97 -6.97
CA THR B 88 3.42 -12.38 -6.76
C THR B 88 2.40 -11.47 -7.43
N SER B 89 1.16 -11.95 -7.49
CA SER B 89 0.04 -11.15 -7.96
C SER B 89 -0.71 -10.61 -6.76
N ARG B 90 -0.26 -10.99 -5.57
CA ARG B 90 -0.84 -10.48 -4.33
C ARG B 90 -0.14 -9.19 -3.95
N SER B 91 -0.46 -8.12 -4.68
CA SER B 91 0.21 -6.83 -4.47
C SER B 91 -0.08 -6.25 -3.10
N GLU B 92 -1.16 -6.70 -2.48
CA GLU B 92 -1.52 -6.22 -1.15
C GLU B 92 -0.64 -6.83 -0.06
N PHE B 93 0.30 -7.68 -0.47
CA PHE B 93 1.23 -8.29 0.46
C PHE B 93 2.55 -7.53 0.49
N ALA B 94 2.61 -6.44 -0.28
CA ALA B 94 3.81 -5.64 -0.40
C ALA B 94 4.24 -5.04 0.94
N THR B 95 3.26 -4.50 1.67
CA THR B 95 3.53 -3.87 2.96
C THR B 95 3.65 -4.87 4.10
N LEU B 96 3.33 -6.14 3.82
CA LEU B 96 3.29 -7.16 4.86
C LEU B 96 4.64 -7.81 5.15
N THR B 97 5.61 -7.61 4.26
CA THR B 97 6.91 -8.27 4.39
C THR B 97 7.61 -7.92 5.71
N TYR B 98 7.42 -6.69 6.17
CA TYR B 98 8.07 -6.22 7.40
C TYR B 98 7.56 -6.96 8.64
N LYS B 99 6.30 -7.39 8.58
CA LYS B 99 5.67 -8.09 9.69
C LYS B 99 6.39 -9.40 10.02
N TYR B 100 6.98 -10.01 9.00
CA TYR B 100 7.60 -11.31 9.14
C TYR B 100 9.09 -11.17 9.40
N GLN B 101 9.52 -9.94 9.65
CA GLN B 101 10.93 -9.63 9.91
C GLN B 101 11.85 -10.16 8.82
N VAL B 102 11.30 -10.28 7.62
CA VAL B 102 12.09 -10.56 6.43
C VAL B 102 12.63 -9.22 5.93
N SER B 103 13.86 -9.20 5.43
CA SER B 103 14.41 -8.00 4.83
C SER B 103 14.44 -8.21 3.33
N ALA B 104 13.26 -8.43 2.76
CA ALA B 104 13.11 -8.68 1.33
C ALA B 104 13.70 -7.54 0.51
N LEU B 105 14.63 -7.87 -0.37
CA LEU B 105 15.25 -6.88 -1.24
C LEU B 105 14.18 -6.23 -2.11
N ASP B 106 13.29 -7.04 -2.66
CA ASP B 106 12.31 -6.53 -3.61
C ASP B 106 10.97 -7.26 -3.55
N PHE B 107 9.96 -6.64 -4.12
CA PHE B 107 8.62 -7.20 -4.22
C PHE B 107 8.15 -6.98 -5.64
N VAL B 108 8.25 -8.02 -6.47
CA VAL B 108 7.96 -7.89 -7.89
C VAL B 108 6.52 -8.29 -8.22
N ASP B 109 5.85 -7.44 -9.00
CA ASP B 109 4.48 -7.71 -9.41
C ASP B 109 4.47 -8.53 -10.70
N LYS B 110 3.65 -9.59 -10.70
CA LYS B 110 3.55 -10.46 -11.87
C LYS B 110 2.71 -9.82 -12.97
N ASP B 111 1.73 -9.02 -12.57
CA ASP B 111 0.72 -8.52 -13.49
C ASP B 111 1.24 -7.47 -14.48
N ILE B 112 2.48 -7.01 -14.28
CA ILE B 112 3.07 -6.04 -15.19
C ILE B 112 3.53 -6.71 -16.48
N ASN B 113 3.72 -5.92 -17.53
CA ASN B 113 4.13 -6.45 -18.83
C ASN B 113 5.52 -7.07 -18.78
N ASP B 114 5.81 -7.94 -19.76
CA ASP B 114 7.05 -8.71 -19.75
C ASP B 114 8.29 -7.84 -19.92
N GLU B 115 8.11 -6.67 -20.52
CA GLU B 115 9.23 -5.78 -20.75
C GLU B 115 9.74 -5.21 -19.42
N MET B 116 8.83 -4.79 -18.55
CA MET B 116 9.22 -4.27 -17.25
C MET B 116 9.63 -5.37 -16.28
N PHE B 117 8.92 -6.49 -16.33
CA PHE B 117 9.22 -7.63 -15.47
C PHE B 117 10.67 -8.07 -15.63
N LYS B 118 11.13 -8.14 -16.87
CA LYS B 118 12.52 -8.45 -17.17
C LYS B 118 13.45 -7.42 -16.55
N LYS B 119 13.07 -6.14 -16.67
CA LYS B 119 13.89 -5.06 -16.14
C LYS B 119 13.99 -5.11 -14.62
N ARG B 120 12.95 -5.66 -13.98
CA ARG B 120 12.91 -5.71 -12.53
C ARG B 120 13.66 -6.92 -11.98
N ILE B 121 13.59 -8.04 -12.69
CA ILE B 121 14.44 -9.18 -12.39
C ILE B 121 15.89 -8.77 -12.63
N GLU B 122 16.08 -7.97 -13.67
CA GLU B 122 17.40 -7.45 -14.03
C GLU B 122 17.99 -6.61 -12.89
N GLN B 123 17.14 -5.80 -12.26
CA GLN B 123 17.58 -4.97 -11.15
C GLN B 123 18.05 -5.84 -9.99
N ASN B 124 17.34 -6.93 -9.76
CA ASN B 124 17.69 -7.86 -8.69
C ASN B 124 18.96 -8.65 -8.97
N ILE B 125 19.13 -9.04 -10.24
CA ILE B 125 20.33 -9.76 -10.65
C ILE B 125 21.56 -8.89 -10.46
N PHE B 126 21.44 -7.62 -10.81
CA PHE B 126 22.58 -6.72 -10.73
C PHE B 126 22.89 -6.25 -9.32
N TYR B 127 21.90 -6.28 -8.43
CA TYR B 127 22.16 -6.00 -7.04
C TYR B 127 23.00 -7.12 -6.43
N THR B 128 22.58 -8.35 -6.69
CA THR B 128 23.25 -9.52 -6.13
C THR B 128 24.67 -9.63 -6.66
N LYS B 129 24.81 -9.36 -7.96
CA LYS B 129 26.11 -9.38 -8.62
C LYS B 129 27.06 -8.39 -7.96
N SER B 130 26.55 -7.21 -7.65
CA SER B 130 27.35 -6.15 -7.03
C SER B 130 27.74 -6.49 -5.61
N MET B 131 26.87 -7.21 -4.90
CA MET B 131 27.15 -7.64 -3.53
C MET B 131 28.22 -8.73 -3.47
N LEU B 132 29.22 -8.63 -4.34
CA LEU B 132 30.34 -9.58 -4.38
C LEU B 132 31.66 -8.85 -4.56
N MET C 1 25.02 -2.47 21.79
CA MET C 1 24.74 -2.17 20.39
C MET C 1 24.76 -0.67 20.10
N LYS C 2 25.07 -0.31 18.85
CA LYS C 2 25.16 1.09 18.46
C LYS C 2 24.05 1.45 17.47
N VAL C 3 23.16 2.37 17.88
CA VAL C 3 22.05 2.78 17.03
C VAL C 3 22.32 4.15 16.40
N LEU C 4 22.12 4.24 15.08
CA LEU C 4 22.33 5.50 14.37
C LEU C 4 21.02 6.03 13.81
N ILE C 5 20.67 7.27 14.19
CA ILE C 5 19.36 7.82 13.88
C ILE C 5 19.43 9.08 13.02
N LEU C 6 18.70 9.08 11.91
CA LEU C 6 18.56 10.27 11.08
C LEU C 6 17.18 10.89 11.28
N GLU C 7 17.15 12.05 11.93
CA GLU C 7 15.90 12.75 12.20
C GLU C 7 16.15 14.24 12.25
N ASP C 8 15.55 14.98 11.33
CA ASP C 8 15.75 16.43 11.26
C ASP C 8 14.67 17.19 12.01
N VAL C 9 13.94 16.48 12.86
CA VAL C 9 12.93 17.11 13.72
C VAL C 9 13.12 16.65 15.16
N ILE C 10 13.42 17.60 16.04
CA ILE C 10 13.69 17.31 17.46
C ILE C 10 12.60 16.47 18.13
N GLU C 11 11.34 16.86 17.91
CA GLU C 11 10.19 16.22 18.53
C GLU C 11 10.18 14.69 18.42
N HIS C 12 10.42 14.19 17.21
CA HIS C 12 10.40 12.74 16.96
C HIS C 12 11.68 12.08 17.43
N GLN C 13 12.81 12.75 17.20
CA GLN C 13 14.09 12.30 17.74
C GLN C 13 13.95 11.98 19.22
N VAL C 14 13.32 12.88 19.97
CA VAL C 14 13.18 12.72 21.41
C VAL C 14 12.29 11.54 21.78
N ARG C 15 11.23 11.33 20.99
CA ARG C 15 10.26 10.29 21.29
C ARG C 15 10.93 8.93 21.19
N LEU C 16 11.82 8.81 20.21
CA LEU C 16 12.54 7.58 19.96
C LEU C 16 13.68 7.38 20.96
N GLU C 17 14.38 8.46 21.27
CA GLU C 17 15.51 8.40 22.20
C GLU C 17 15.05 8.05 23.62
N ARG C 18 13.87 8.53 23.99
CA ARG C 18 13.27 8.17 25.27
C ARG C 18 12.90 6.69 25.27
N ILE C 19 12.23 6.27 24.20
CA ILE C 19 11.82 4.87 24.05
C ILE C 19 13.01 3.93 24.02
N LEU C 20 14.05 4.30 23.27
CA LEU C 20 15.27 3.50 23.21
C LEU C 20 15.86 3.30 24.59
N ASP C 21 15.82 4.34 25.42
CA ASP C 21 16.36 4.29 26.77
C ASP C 21 15.60 3.31 27.66
N GLU C 22 14.28 3.37 27.59
CA GLU C 22 13.42 2.49 28.38
C GLU C 22 13.72 1.03 28.06
N ILE C 23 13.57 0.67 26.78
CA ILE C 23 13.84 -0.67 26.30
C ILE C 23 15.19 -1.20 26.80
N SER C 24 16.17 -0.31 26.90
CA SER C 24 17.51 -0.67 27.37
C SER C 24 17.53 -1.05 28.85
N LYS C 25 16.87 -0.23 29.68
CA LYS C 25 16.85 -0.47 31.13
C LYS C 25 15.98 -1.69 31.50
N GLU C 26 14.93 -1.94 30.71
CA GLU C 26 14.02 -3.06 30.96
C GLU C 26 14.62 -4.38 30.51
N SER C 27 14.81 -4.54 29.20
CA SER C 27 15.36 -5.76 28.64
C SER C 27 16.85 -5.94 28.94
N ASN C 28 17.41 -5.04 29.74
CA ASN C 28 18.81 -5.11 30.20
C ASN C 28 19.80 -5.20 29.04
N ILE C 29 19.49 -4.49 27.95
CA ILE C 29 20.36 -4.44 26.78
C ILE C 29 21.06 -3.07 26.74
N PRO C 30 22.38 -3.06 26.54
CA PRO C 30 23.13 -1.80 26.44
C PRO C 30 22.92 -1.12 25.08
N ILE C 31 22.17 -0.02 25.06
CA ILE C 31 21.90 0.69 23.83
C ILE C 31 22.50 2.11 23.84
N SER C 32 23.51 2.32 23.00
CA SER C 32 24.09 3.65 22.83
C SER C 32 23.74 4.20 21.46
N TYR C 33 23.06 5.34 21.42
CA TYR C 33 22.56 5.89 20.18
C TYR C 33 23.08 7.29 19.89
N LYS C 34 23.04 7.67 18.61
CA LYS C 34 23.34 9.04 18.19
C LYS C 34 22.30 9.46 17.18
N THR C 35 21.84 10.71 17.30
CA THR C 35 20.85 11.22 16.36
C THR C 35 21.34 12.53 15.74
N THR C 36 20.96 12.75 14.49
CA THR C 36 21.22 14.01 13.82
C THR C 36 20.21 14.23 12.69
N GLY C 37 20.09 15.47 12.25
CA GLY C 37 19.28 15.78 11.08
C GLY C 37 20.19 16.33 10.00
N LYS C 38 21.48 16.37 10.32
CA LYS C 38 22.49 16.88 9.43
C LYS C 38 23.02 15.74 8.56
N VAL C 39 22.47 15.63 7.36
CA VAL C 39 22.72 14.50 6.46
C VAL C 39 24.20 14.22 6.22
N ARG C 40 24.98 15.27 6.04
CA ARG C 40 26.42 15.11 5.83
C ARG C 40 27.11 14.53 7.07
N GLU C 41 26.63 14.91 8.25
CA GLU C 41 27.17 14.36 9.49
C GLU C 41 26.81 12.89 9.63
N PHE C 42 25.58 12.56 9.29
CA PHE C 42 25.10 11.18 9.35
C PHE C 42 25.93 10.31 8.41
N GLU C 43 26.21 10.84 7.22
CA GLU C 43 27.06 10.13 6.26
C GLU C 43 28.44 9.87 6.83
N GLU C 44 28.95 10.81 7.62
CA GLU C 44 30.24 10.65 8.27
C GLU C 44 30.20 9.49 9.25
N TYR C 45 29.01 9.21 9.77
CA TYR C 45 28.85 8.11 10.70
C TYR C 45 28.53 6.80 9.97
N ILE C 46 28.81 6.75 8.67
CA ILE C 46 28.59 5.55 7.89
C ILE C 46 29.88 5.10 7.24
N GLU C 47 30.47 6.00 6.45
CA GLU C 47 31.71 5.71 5.73
C GLU C 47 32.87 5.37 6.65
N ASN C 48 32.86 5.91 7.88
CA ASN C 48 34.07 5.94 8.71
C ASN C 48 34.20 4.85 9.78
N ASP C 49 34.02 3.60 9.36
CA ASP C 49 34.23 2.43 10.24
C ASP C 49 33.48 2.58 11.56
N GLU C 50 32.22 2.96 11.47
CA GLU C 50 31.48 3.43 12.65
C GLU C 50 30.72 2.36 13.42
N VAL C 51 30.98 1.09 13.09
CA VAL C 51 30.39 -0.07 13.76
C VAL C 51 28.95 0.13 14.25
N ASN C 52 28.06 0.48 13.32
CA ASN C 52 26.63 0.58 13.64
C ASN C 52 25.85 -0.62 13.13
N GLN C 53 24.97 -1.15 13.96
CA GLN C 53 24.12 -2.27 13.56
C GLN C 53 22.74 -1.77 13.13
N LEU C 54 22.10 -1.01 14.01
CA LEU C 54 20.74 -0.55 13.77
C LEU C 54 20.71 0.90 13.30
N TYR C 55 19.99 1.14 12.21
CA TYR C 55 19.83 2.49 11.68
C TYR C 55 18.35 2.84 11.60
N PHE C 56 17.96 3.92 12.28
CA PHE C 56 16.60 4.43 12.17
C PHE C 56 16.59 5.70 11.34
N LEU C 57 15.96 5.65 10.17
CA LEU C 57 15.96 6.79 9.27
C LEU C 57 14.57 7.35 8.99
N GLU C 58 14.46 8.67 9.00
CA GLU C 58 13.33 9.35 8.41
C GLU C 58 13.66 9.58 6.94
N ILE C 59 12.67 9.37 6.07
CA ILE C 59 12.90 9.48 4.63
C ILE C 59 12.79 10.93 4.16
N ASP C 60 11.72 11.60 4.57
CA ASP C 60 11.51 13.00 4.22
C ASP C 60 12.41 13.88 5.08
N ILE C 61 13.52 14.34 4.50
CA ILE C 61 14.49 15.17 5.22
C ILE C 61 14.76 16.47 4.48
N HIS C 62 14.63 17.59 5.19
CA HIS C 62 15.02 18.90 4.69
C HIS C 62 14.44 19.27 3.32
N GLY C 63 13.21 18.87 3.05
CA GLY C 63 12.55 19.20 1.80
C GLY C 63 12.72 18.16 0.71
N ILE C 64 13.74 17.31 0.84
CA ILE C 64 13.95 16.22 -0.11
C ILE C 64 13.21 14.98 0.40
N GLU C 65 12.04 14.71 -0.18
CA GLU C 65 11.11 13.74 0.41
C GLU C 65 11.59 12.29 0.37
N LYS C 66 12.65 12.02 -0.38
CA LYS C 66 13.17 10.65 -0.47
C LYS C 66 14.67 10.60 -0.18
N LYS C 67 15.14 11.59 0.59
CA LYS C 67 16.55 11.69 0.96
C LYS C 67 16.99 10.47 1.75
N GLY C 68 16.18 10.10 2.75
CA GLY C 68 16.46 8.96 3.61
C GLY C 68 16.71 7.67 2.83
N PHE C 69 15.96 7.48 1.75
CA PHE C 69 16.15 6.32 0.88
C PHE C 69 17.54 6.33 0.29
N GLU C 70 17.99 7.50 -0.16
CA GLU C 70 19.31 7.66 -0.74
C GLU C 70 20.39 7.43 0.31
N VAL C 71 20.14 7.91 1.53
CA VAL C 71 21.05 7.70 2.65
C VAL C 71 21.06 6.22 3.03
N ALA C 72 19.90 5.59 2.95
CA ALA C 72 19.78 4.17 3.29
C ALA C 72 20.53 3.28 2.32
N GLN C 73 20.61 3.70 1.06
CA GLN C 73 21.37 2.96 0.05
C GLN C 73 22.84 3.03 0.39
N LEU C 74 23.26 4.17 0.93
CA LEU C 74 24.67 4.39 1.27
C LEU C 74 25.09 3.58 2.50
N ILE C 75 24.14 3.36 3.41
CA ILE C 75 24.40 2.54 4.57
C ILE C 75 24.61 1.09 4.13
N ARG C 76 23.73 0.64 3.24
CA ARG C 76 23.80 -0.71 2.69
C ARG C 76 25.13 -0.93 1.96
N HIS C 77 25.73 0.15 1.47
CA HIS C 77 26.95 0.06 0.67
C HIS C 77 28.23 -0.02 1.51
N TYR C 78 28.33 0.84 2.52
CA TYR C 78 29.50 0.83 3.41
C TYR C 78 29.36 -0.23 4.50
N ASN C 79 28.15 -0.75 4.67
CA ASN C 79 27.93 -1.88 5.56
C ASN C 79 26.77 -2.73 5.04
N PRO C 80 27.08 -3.81 4.31
CA PRO C 80 26.07 -4.73 3.77
C PRO C 80 25.25 -5.40 4.86
N TYR C 81 25.78 -5.40 6.09
CA TYR C 81 25.16 -6.14 7.19
C TYR C 81 24.23 -5.26 8.03
N ALA C 82 24.11 -4.00 7.64
CA ALA C 82 23.30 -3.03 8.37
C ALA C 82 21.83 -3.43 8.43
N ILE C 83 21.20 -3.17 9.58
CA ILE C 83 19.77 -3.41 9.73
C ILE C 83 19.02 -2.10 9.61
N ILE C 84 18.40 -1.88 8.45
CA ILE C 84 17.71 -0.62 8.20
C ILE C 84 16.28 -0.66 8.67
N VAL C 85 15.89 0.36 9.43
CA VAL C 85 14.49 0.56 9.78
C VAL C 85 14.10 1.98 9.46
N PHE C 86 13.04 2.14 8.68
CA PHE C 86 12.53 3.47 8.37
C PHE C 86 11.44 3.85 9.36
N ILE C 87 11.50 5.09 9.83
CA ILE C 87 10.46 5.64 10.69
C ILE C 87 10.02 6.96 10.08
N THR C 88 8.75 7.05 9.70
CA THR C 88 8.29 8.22 8.97
C THR C 88 6.78 8.44 9.12
N SER C 89 6.34 9.61 8.68
CA SER C 89 4.91 9.92 8.65
C SER C 89 4.41 9.72 7.24
N ARG C 90 5.33 9.57 6.30
CA ARG C 90 5.00 9.34 4.90
C ARG C 90 4.70 7.86 4.67
N SER C 91 3.48 7.47 5.03
CA SER C 91 3.08 6.07 5.01
C SER C 91 2.98 5.49 3.60
N GLU C 92 2.80 6.36 2.61
CA GLU C 92 2.69 5.92 1.23
C GLU C 92 4.03 5.55 0.62
N PHE C 93 5.11 5.73 1.37
CA PHE C 93 6.45 5.37 0.91
C PHE C 93 6.77 3.92 1.28
N ALA C 94 5.82 3.26 1.91
CA ALA C 94 6.00 1.91 2.43
C ALA C 94 6.46 0.90 1.37
N THR C 95 5.85 0.98 0.19
CA THR C 95 6.17 0.05 -0.90
C THR C 95 7.35 0.53 -1.72
N LEU C 96 7.83 1.74 -1.46
CA LEU C 96 8.88 2.33 -2.27
C LEU C 96 10.29 1.93 -1.84
N THR C 97 10.40 1.30 -0.68
CA THR C 97 11.70 0.91 -0.15
C THR C 97 12.42 -0.06 -1.09
N TYR C 98 11.65 -0.92 -1.74
CA TYR C 98 12.20 -1.93 -2.64
C TYR C 98 12.89 -1.30 -3.85
N LYS C 99 12.36 -0.16 -4.31
CA LYS C 99 12.92 0.53 -5.47
C LYS C 99 14.37 0.91 -5.23
N TYR C 100 14.66 1.35 -4.01
CA TYR C 100 15.98 1.84 -3.68
C TYR C 100 16.94 0.73 -3.29
N GLN C 101 16.52 -0.51 -3.55
CA GLN C 101 17.36 -1.68 -3.34
C GLN C 101 17.98 -1.71 -1.95
N VAL C 102 17.21 -1.28 -0.95
CA VAL C 102 17.61 -1.44 0.44
C VAL C 102 16.82 -2.62 0.98
N SER C 103 17.35 -3.26 2.02
CA SER C 103 16.62 -4.34 2.65
C SER C 103 16.24 -3.94 4.07
N ALA C 104 15.27 -3.04 4.16
CA ALA C 104 14.80 -2.54 5.45
C ALA C 104 14.05 -3.62 6.22
N LEU C 105 14.53 -3.92 7.41
CA LEU C 105 13.86 -4.85 8.31
C LEU C 105 12.43 -4.40 8.56
N ASP C 106 12.26 -3.10 8.81
CA ASP C 106 10.97 -2.57 9.20
C ASP C 106 10.68 -1.21 8.55
N PHE C 107 9.42 -0.81 8.64
CA PHE C 107 8.95 0.48 8.16
C PHE C 107 7.89 0.93 9.16
N VAL C 108 8.20 1.95 9.95
CA VAL C 108 7.32 2.36 11.04
C VAL C 108 6.63 3.70 10.81
N ASP C 109 5.30 3.69 10.93
CA ASP C 109 4.51 4.90 10.85
C ASP C 109 4.60 5.65 12.18
N LYS C 110 5.02 6.91 12.12
CA LYS C 110 5.13 7.73 13.33
C LYS C 110 3.76 8.01 13.92
N ASP C 111 2.74 7.90 13.08
CA ASP C 111 1.40 8.33 13.44
C ASP C 111 0.64 7.33 14.33
N ILE C 112 1.23 6.18 14.57
CA ILE C 112 0.62 5.18 15.44
C ILE C 112 0.89 5.50 16.91
N ASN C 113 -0.01 5.07 17.78
CA ASN C 113 0.08 5.36 19.21
C ASN C 113 1.40 4.94 19.86
N ASP C 114 1.74 5.57 20.98
CA ASP C 114 3.04 5.37 21.62
C ASP C 114 3.29 3.93 22.06
N GLU C 115 2.24 3.24 22.49
CA GLU C 115 2.35 1.86 22.94
C GLU C 115 2.84 0.95 21.81
N MET C 116 2.07 0.90 20.73
CA MET C 116 2.43 0.05 19.60
C MET C 116 3.71 0.52 18.94
N PHE C 117 3.94 1.82 18.94
CA PHE C 117 5.16 2.39 18.38
C PHE C 117 6.38 1.87 19.14
N LYS C 118 6.27 1.83 20.46
CA LYS C 118 7.33 1.30 21.31
C LYS C 118 7.54 -0.19 21.06
N LYS C 119 6.46 -0.93 20.96
CA LYS C 119 6.54 -2.36 20.69
C LYS C 119 7.23 -2.63 19.35
N ARG C 120 6.91 -1.82 18.35
CA ARG C 120 7.51 -1.98 17.04
C ARG C 120 9.00 -1.60 17.05
N ILE C 121 9.36 -0.68 17.92
CA ILE C 121 10.77 -0.32 18.08
C ILE C 121 11.51 -1.41 18.85
N GLU C 122 10.89 -1.92 19.91
CA GLU C 122 11.52 -2.96 20.72
C GLU C 122 11.72 -4.24 19.91
N GLN C 123 10.84 -4.47 18.93
CA GLN C 123 11.00 -5.59 18.02
C GLN C 123 12.32 -5.48 17.26
N ASN C 124 12.56 -4.31 16.69
CA ASN C 124 13.77 -4.06 15.94
C ASN C 124 15.02 -4.19 16.81
N ILE C 125 14.88 -3.80 18.08
CA ILE C 125 15.95 -3.95 19.04
C ILE C 125 16.24 -5.43 19.26
N PHE C 126 15.20 -6.18 19.57
CA PHE C 126 15.33 -7.62 19.85
C PHE C 126 15.92 -8.37 18.66
N TYR C 127 15.49 -8.01 17.46
CA TYR C 127 15.99 -8.64 16.24
C TYR C 127 17.48 -8.36 16.07
N THR C 128 17.88 -7.13 16.35
CA THR C 128 19.27 -6.73 16.26
C THR C 128 20.11 -7.47 17.30
N LYS C 129 19.55 -7.62 18.49
CA LYS C 129 20.19 -8.40 19.55
C LYS C 129 20.35 -9.85 19.12
N SER C 130 19.30 -10.42 18.54
CA SER C 130 19.31 -11.82 18.12
C SER C 130 20.24 -12.06 16.93
N MET C 131 20.98 -11.04 16.54
CA MET C 131 21.92 -11.15 15.43
C MET C 131 23.35 -11.25 15.95
N LEU C 132 23.50 -11.81 17.15
CA LEU C 132 24.81 -12.10 17.72
C LEU C 132 24.90 -13.56 18.15
N MET D 1 -28.62 13.64 11.02
CA MET D 1 -27.62 12.74 10.47
C MET D 1 -27.52 11.45 11.27
N LYS D 2 -27.75 10.32 10.60
CA LYS D 2 -27.71 9.01 11.26
C LYS D 2 -26.56 8.14 10.77
N VAL D 3 -25.84 7.54 11.72
CA VAL D 3 -24.62 6.81 11.43
C VAL D 3 -24.74 5.35 11.86
N LEU D 4 -24.33 4.44 10.98
CA LEU D 4 -24.38 3.03 11.29
C LEU D 4 -22.97 2.47 11.52
N ILE D 5 -22.75 1.90 12.69
CA ILE D 5 -21.44 1.38 13.07
C ILE D 5 -21.43 -0.14 13.11
N LEU D 6 -20.44 -0.74 12.47
CA LEU D 6 -20.24 -2.19 12.52
C LEU D 6 -18.89 -2.49 13.16
N GLU D 7 -18.92 -2.94 14.41
CA GLU D 7 -17.69 -3.22 15.15
C GLU D 7 -17.91 -4.36 16.13
N ASP D 8 -17.08 -5.39 16.03
CA ASP D 8 -17.23 -6.57 16.88
C ASP D 8 -16.49 -6.46 18.21
N VAL D 9 -15.49 -5.58 18.27
CA VAL D 9 -14.76 -5.37 19.51
C VAL D 9 -15.35 -4.22 20.33
N ILE D 10 -15.73 -4.51 21.58
CA ILE D 10 -16.42 -3.54 22.44
C ILE D 10 -15.62 -2.26 22.71
N GLU D 11 -14.31 -2.40 22.91
CA GLU D 11 -13.45 -1.26 23.19
C GLU D 11 -13.46 -0.23 22.06
N HIS D 12 -13.30 -0.72 20.84
CA HIS D 12 -13.32 0.13 19.66
C HIS D 12 -14.69 0.78 19.46
N GLN D 13 -15.74 0.06 19.85
CA GLN D 13 -17.10 0.61 19.79
C GLN D 13 -17.17 1.90 20.61
N VAL D 14 -16.78 1.82 21.87
CA VAL D 14 -16.81 2.97 22.77
C VAL D 14 -15.90 4.08 22.27
N ARG D 15 -14.70 3.70 21.82
CA ARG D 15 -13.73 4.67 21.31
C ARG D 15 -14.33 5.54 20.22
N LEU D 16 -14.99 4.89 19.26
CA LEU D 16 -15.61 5.60 18.15
C LEU D 16 -16.83 6.40 18.62
N GLU D 17 -17.65 5.78 19.47
CA GLU D 17 -18.88 6.39 19.95
C GLU D 17 -18.61 7.60 20.84
N ARG D 18 -17.49 7.58 21.55
CA ARG D 18 -17.09 8.74 22.36
C ARG D 18 -16.82 9.92 21.43
N ILE D 19 -16.02 9.66 20.41
CA ILE D 19 -15.65 10.67 19.43
C ILE D 19 -16.88 11.23 18.71
N LEU D 20 -17.81 10.35 18.39
CA LEU D 20 -19.04 10.77 17.72
C LEU D 20 -19.87 11.71 18.61
N ASP D 21 -19.79 11.48 19.92
CA ASP D 21 -20.45 12.37 20.88
C ASP D 21 -19.68 13.69 20.99
N GLU D 22 -18.37 13.60 21.07
CA GLU D 22 -17.52 14.78 21.18
C GLU D 22 -17.65 15.69 19.96
N ILE D 23 -17.58 15.10 18.77
CA ILE D 23 -17.78 15.84 17.53
C ILE D 23 -19.18 16.47 17.52
N SER D 24 -20.13 15.74 18.07
CA SER D 24 -21.52 16.20 18.11
C SER D 24 -21.72 17.43 18.99
N LYS D 25 -21.00 17.49 20.12
CA LYS D 25 -21.13 18.61 21.03
C LYS D 25 -20.20 19.77 20.65
N GLU D 26 -18.97 19.43 20.28
CA GLU D 26 -17.96 20.45 19.99
C GLU D 26 -18.29 21.23 18.71
N SER D 27 -18.46 20.52 17.61
CA SER D 27 -18.78 21.19 16.35
C SER D 27 -20.28 21.33 16.17
N ASN D 28 -21.03 21.02 17.23
CA ASN D 28 -22.47 21.26 17.28
C ASN D 28 -23.26 20.60 16.15
N ILE D 29 -23.10 19.29 15.99
CA ILE D 29 -23.84 18.53 14.99
C ILE D 29 -24.63 17.41 15.67
N PRO D 30 -25.95 17.34 15.41
CA PRO D 30 -26.74 16.24 15.97
C PRO D 30 -26.39 14.92 15.30
N ILE D 31 -25.80 14.00 16.06
CA ILE D 31 -25.42 12.69 15.51
C ILE D 31 -26.01 11.55 16.33
N SER D 32 -26.83 10.73 15.69
CA SER D 32 -27.39 9.55 16.32
C SER D 32 -26.88 8.28 15.64
N TYR D 33 -26.53 7.27 16.42
CA TYR D 33 -25.88 6.09 15.88
C TYR D 33 -26.34 4.77 16.48
N LYS D 34 -26.20 3.69 15.70
CA LYS D 34 -26.46 2.34 16.18
C LYS D 34 -25.22 1.47 15.93
N THR D 35 -24.90 0.61 16.89
CA THR D 35 -23.68 -0.19 16.81
C THR D 35 -23.94 -1.67 17.06
N THR D 36 -23.24 -2.52 16.32
CA THR D 36 -23.33 -3.96 16.50
C THR D 36 -22.07 -4.67 16.03
N GLY D 37 -21.92 -5.92 16.45
CA GLY D 37 -20.80 -6.74 16.03
C GLY D 37 -21.31 -7.96 15.28
N LYS D 38 -22.61 -7.94 14.98
CA LYS D 38 -23.24 -9.04 14.28
C LYS D 38 -23.73 -8.64 12.90
N VAL D 39 -23.25 -9.36 11.89
CA VAL D 39 -23.54 -9.05 10.49
C VAL D 39 -25.04 -9.01 10.18
N ARG D 40 -25.76 -10.06 10.54
CA ARG D 40 -27.19 -10.13 10.26
C ARG D 40 -27.94 -9.03 10.96
N GLU D 41 -27.55 -8.75 12.20
CA GLU D 41 -28.15 -7.67 12.96
C GLU D 41 -27.87 -6.34 12.27
N PHE D 42 -26.68 -6.21 11.70
CA PHE D 42 -26.30 -4.99 11.00
C PHE D 42 -27.05 -4.85 9.69
N GLU D 43 -27.35 -5.99 9.05
CA GLU D 43 -28.09 -5.99 7.80
C GLU D 43 -29.53 -5.56 8.02
N GLU D 44 -30.06 -5.85 9.21
CA GLU D 44 -31.41 -5.45 9.58
C GLU D 44 -31.62 -3.96 9.33
N TYR D 45 -30.74 -3.14 9.90
CA TYR D 45 -30.78 -1.70 9.68
C TYR D 45 -30.69 -1.38 8.18
N ILE D 46 -29.70 -1.96 7.51
CA ILE D 46 -29.47 -1.73 6.08
C ILE D 46 -30.67 -2.17 5.24
N GLU D 47 -30.95 -3.48 5.26
CA GLU D 47 -32.02 -4.06 4.46
C GLU D 47 -33.41 -3.53 4.84
N ASN D 48 -33.46 -2.64 5.82
CA ASN D 48 -34.69 -1.95 6.19
C ASN D 48 -34.65 -0.47 5.77
N ASP D 49 -34.00 0.35 6.58
CA ASP D 49 -34.01 1.80 6.35
C ASP D 49 -32.68 2.33 5.81
N GLU D 50 -32.74 3.19 4.79
CA GLU D 50 -31.56 3.83 4.26
C GLU D 50 -31.53 5.34 4.49
N VAL D 51 -31.98 5.77 5.67
CA VAL D 51 -31.75 7.15 6.10
C VAL D 51 -30.26 7.27 6.43
N ASN D 52 -29.66 6.15 6.79
CA ASN D 52 -28.21 6.10 7.06
C ASN D 52 -27.38 6.57 5.88
N GLN D 53 -26.69 7.68 6.07
CA GLN D 53 -25.80 8.21 5.05
C GLN D 53 -24.39 7.70 5.31
N LEU D 54 -24.04 7.59 6.59
CA LEU D 54 -22.68 7.25 6.98
C LEU D 54 -22.57 5.86 7.61
N TYR D 55 -21.60 5.08 7.13
CA TYR D 55 -21.38 3.73 7.63
C TYR D 55 -19.92 3.55 8.01
N PHE D 56 -19.66 3.32 9.30
CA PHE D 56 -18.31 3.04 9.76
C PHE D 56 -18.11 1.53 9.95
N LEU D 57 -17.40 0.92 9.02
CA LEU D 57 -17.27 -0.54 8.98
C LEU D 57 -15.86 -1.00 9.37
N GLU D 58 -15.81 -2.00 10.24
CA GLU D 58 -14.59 -2.76 10.48
C GLU D 58 -14.59 -3.87 9.42
N ILE D 59 -13.43 -4.43 9.11
CA ILE D 59 -13.34 -5.45 8.07
C ILE D 59 -13.09 -6.85 8.65
N ASP D 60 -12.16 -6.94 9.60
CA ASP D 60 -11.86 -8.21 10.26
C ASP D 60 -12.85 -8.44 11.41
N ILE D 61 -13.71 -9.46 11.27
CA ILE D 61 -14.79 -9.68 12.22
C ILE D 61 -15.00 -11.15 12.59
N HIS D 62 -14.85 -11.45 13.88
CA HIS D 62 -15.08 -12.79 14.42
C HIS D 62 -14.29 -13.87 13.68
N GLY D 63 -13.04 -13.58 13.37
CA GLY D 63 -12.18 -14.52 12.66
C GLY D 63 -12.35 -14.43 11.15
N ILE D 64 -13.49 -13.91 10.72
CA ILE D 64 -13.74 -13.70 9.30
C ILE D 64 -13.31 -12.29 8.87
N GLU D 65 -12.07 -12.19 8.41
CA GLU D 65 -11.58 -10.96 7.80
C GLU D 65 -12.30 -10.76 6.47
N LYS D 66 -12.10 -9.58 5.86
CA LYS D 66 -12.73 -9.26 4.58
C LYS D 66 -14.26 -9.37 4.63
N LYS D 67 -14.81 -9.42 5.83
CA LYS D 67 -16.25 -9.52 6.01
C LYS D 67 -16.88 -8.14 5.84
N GLY D 68 -16.19 -7.12 6.33
CA GLY D 68 -16.63 -5.75 6.18
C GLY D 68 -16.85 -5.38 4.72
N PHE D 69 -15.95 -5.87 3.87
CA PHE D 69 -16.07 -5.69 2.43
C PHE D 69 -17.39 -6.27 1.90
N GLU D 70 -17.74 -7.46 2.38
CA GLU D 70 -18.98 -8.11 1.97
C GLU D 70 -20.20 -7.32 2.38
N VAL D 71 -20.19 -6.83 3.62
CA VAL D 71 -21.27 -6.00 4.13
C VAL D 71 -21.35 -4.72 3.32
N ALA D 72 -20.19 -4.13 3.03
CA ALA D 72 -20.11 -2.89 2.28
C ALA D 72 -20.72 -3.03 0.89
N GLN D 73 -20.45 -4.17 0.24
CA GLN D 73 -21.00 -4.43 -1.09
C GLN D 73 -22.52 -4.46 -1.05
N LEU D 74 -23.05 -5.00 0.05
CA LEU D 74 -24.49 -5.04 0.28
C LEU D 74 -25.00 -3.61 0.47
N ILE D 75 -24.26 -2.83 1.25
CA ILE D 75 -24.60 -1.43 1.47
C ILE D 75 -24.58 -0.65 0.17
N ARG D 76 -23.52 -0.85 -0.60
CA ARG D 76 -23.38 -0.20 -1.91
C ARG D 76 -24.54 -0.57 -2.82
N HIS D 77 -24.97 -1.83 -2.75
CA HIS D 77 -26.05 -2.33 -3.59
C HIS D 77 -27.39 -1.69 -3.25
N TYR D 78 -27.80 -1.79 -1.99
CA TYR D 78 -29.06 -1.22 -1.54
C TYR D 78 -29.04 0.31 -1.62
N ASN D 79 -27.90 0.90 -1.30
CA ASN D 79 -27.76 2.34 -1.31
C ASN D 79 -26.52 2.79 -2.06
N PRO D 80 -26.68 3.24 -3.31
CA PRO D 80 -25.58 3.80 -4.09
C PRO D 80 -25.05 5.09 -3.46
N TYR D 81 -25.96 5.84 -2.84
CA TYR D 81 -25.62 7.14 -2.25
C TYR D 81 -24.83 6.97 -0.95
N ALA D 82 -24.88 5.77 -0.38
CA ALA D 82 -24.28 5.52 0.93
C ALA D 82 -22.80 5.84 1.01
N ILE D 83 -22.43 6.62 2.01
CA ILE D 83 -21.02 6.90 2.28
C ILE D 83 -20.45 5.78 3.14
N ILE D 84 -19.36 5.19 2.68
CA ILE D 84 -18.77 4.04 3.35
C ILE D 84 -17.31 4.32 3.72
N VAL D 85 -17.03 4.33 5.02
CA VAL D 85 -15.66 4.48 5.48
C VAL D 85 -15.26 3.30 6.36
N PHE D 86 -14.07 2.77 6.11
CA PHE D 86 -13.59 1.63 6.87
C PHE D 86 -12.73 2.06 8.04
N ILE D 87 -12.92 1.38 9.17
CA ILE D 87 -12.07 1.60 10.33
C ILE D 87 -11.51 0.26 10.78
N THR D 88 -10.35 -0.11 10.24
CA THR D 88 -9.76 -1.39 10.56
C THR D 88 -8.32 -1.24 11.04
N SER D 89 -7.80 -2.27 11.68
CA SER D 89 -6.43 -2.28 12.16
C SER D 89 -5.54 -3.01 11.15
N ARG D 90 -6.13 -3.38 10.02
CA ARG D 90 -5.42 -4.11 8.98
C ARG D 90 -5.05 -3.17 7.83
N SER D 91 -3.83 -2.65 7.86
CA SER D 91 -3.39 -1.64 6.91
C SER D 91 -3.34 -2.16 5.48
N GLU D 92 -2.97 -3.44 5.34
CA GLU D 92 -2.80 -4.04 4.02
C GLU D 92 -4.09 -4.10 3.21
N PHE D 93 -5.23 -3.89 3.86
CA PHE D 93 -6.52 -3.94 3.17
C PHE D 93 -6.89 -2.61 2.52
N ALA D 94 -6.05 -1.60 2.74
CA ALA D 94 -6.33 -0.26 2.24
C ALA D 94 -6.38 -0.20 0.71
N THR D 95 -5.61 -1.05 0.05
CA THR D 95 -5.56 -1.09 -1.40
C THR D 95 -6.56 -2.11 -1.98
N LEU D 96 -7.05 -2.99 -1.12
CA LEU D 96 -7.97 -4.04 -1.55
C LEU D 96 -9.40 -3.55 -1.80
N THR D 97 -9.74 -2.41 -1.20
CA THR D 97 -11.12 -1.92 -1.22
C THR D 97 -11.69 -1.77 -2.62
N TYR D 98 -10.82 -1.50 -3.59
CA TYR D 98 -11.23 -1.30 -4.97
C TYR D 98 -11.78 -2.57 -5.62
N LYS D 99 -11.20 -3.72 -5.27
CA LYS D 99 -11.62 -5.00 -5.84
C LYS D 99 -13.10 -5.28 -5.59
N TYR D 100 -13.60 -4.82 -4.45
CA TYR D 100 -14.97 -5.10 -4.05
C TYR D 100 -15.93 -4.08 -4.63
N GLN D 101 -15.40 -3.20 -5.47
CA GLN D 101 -16.18 -2.20 -6.19
C GLN D 101 -17.03 -1.32 -5.28
N VAL D 102 -16.65 -1.25 -4.01
CA VAL D 102 -17.22 -0.23 -3.14
C VAL D 102 -16.52 1.07 -3.48
N SER D 103 -17.16 2.20 -3.24
CA SER D 103 -16.52 3.49 -3.43
C SER D 103 -16.29 4.11 -2.08
N ALA D 104 -15.42 3.48 -1.29
CA ALA D 104 -15.14 3.92 0.07
C ALA D 104 -14.60 5.33 0.09
N LEU D 105 -15.21 6.18 0.90
CA LEU D 105 -14.72 7.54 1.09
C LEU D 105 -13.35 7.51 1.73
N ASP D 106 -13.26 6.81 2.85
CA ASP D 106 -12.03 6.80 3.63
C ASP D 106 -11.70 5.42 4.17
N PHE D 107 -10.46 5.26 4.63
CA PHE D 107 -9.97 4.02 5.21
C PHE D 107 -9.15 4.38 6.43
N VAL D 108 -9.74 4.27 7.61
CA VAL D 108 -9.11 4.76 8.84
C VAL D 108 -8.40 3.66 9.62
N ASP D 109 -7.10 3.87 9.88
CA ASP D 109 -6.32 2.93 10.67
C ASP D 109 -6.57 3.15 12.16
N LYS D 110 -6.84 2.06 12.87
CA LYS D 110 -7.11 2.12 14.30
C LYS D 110 -5.85 2.39 15.12
N ASP D 111 -4.72 1.88 14.65
CA ASP D 111 -3.48 1.90 15.42
C ASP D 111 -2.89 3.29 15.65
N ILE D 112 -3.51 4.32 15.08
CA ILE D 112 -3.05 5.68 15.27
C ILE D 112 -3.55 6.25 16.60
N ASN D 113 -2.87 7.29 17.10
CA ASN D 113 -3.23 7.90 18.37
C ASN D 113 -4.64 8.51 18.35
N ASP D 114 -5.21 8.67 19.54
CA ASP D 114 -6.60 9.11 19.67
C ASP D 114 -6.79 10.54 19.17
N GLU D 115 -5.73 11.32 19.23
CA GLU D 115 -5.79 12.72 18.80
C GLU D 115 -6.09 12.79 17.31
N MET D 116 -5.33 12.05 16.51
CA MET D 116 -5.52 12.13 15.07
C MET D 116 -6.67 11.24 14.60
N PHE D 117 -6.92 10.16 15.32
CA PHE D 117 -8.08 9.31 15.04
C PHE D 117 -9.35 10.14 15.06
N LYS D 118 -9.46 11.04 16.03
CA LYS D 118 -10.62 11.92 16.14
C LYS D 118 -10.68 12.87 14.96
N LYS D 119 -9.51 13.37 14.55
CA LYS D 119 -9.40 14.24 13.39
C LYS D 119 -9.83 13.52 12.13
N ARG D 120 -9.52 12.22 12.07
CA ARG D 120 -9.91 11.39 10.95
C ARG D 120 -11.41 11.23 10.87
N ILE D 121 -12.04 10.92 12.02
CA ILE D 121 -13.47 10.76 12.07
C ILE D 121 -14.17 12.08 11.74
N GLU D 122 -13.60 13.17 12.25
CA GLU D 122 -14.10 14.51 11.96
C GLU D 122 -14.26 14.75 10.47
N GLN D 123 -13.19 14.49 9.73
CA GLN D 123 -13.19 14.66 8.28
C GLN D 123 -14.38 13.99 7.62
N ASN D 124 -14.69 12.78 8.05
CA ASN D 124 -15.78 12.02 7.46
C ASN D 124 -17.14 12.54 7.91
N ILE D 125 -17.18 13.14 9.09
CA ILE D 125 -18.41 13.75 9.60
C ILE D 125 -18.72 15.03 8.83
N PHE D 126 -17.68 15.85 8.65
CA PHE D 126 -17.82 17.12 7.96
C PHE D 126 -18.04 16.94 6.46
N TYR D 127 -17.62 15.81 5.92
CA TYR D 127 -17.87 15.49 4.52
C TYR D 127 -19.35 15.20 4.35
N THR D 128 -19.87 14.31 5.18
CA THR D 128 -21.28 13.92 5.13
C THR D 128 -22.15 15.13 5.42
N LYS D 129 -21.66 16.00 6.30
CA LYS D 129 -22.29 17.28 6.60
C LYS D 129 -22.51 18.08 5.32
N SER D 130 -21.42 18.37 4.62
CA SER D 130 -21.48 19.15 3.38
C SER D 130 -22.29 18.46 2.28
N MET D 131 -22.32 17.13 2.32
CA MET D 131 -23.08 16.36 1.34
C MET D 131 -24.58 16.46 1.59
N LEU D 132 -24.94 16.71 2.86
CA LEU D 132 -26.36 16.78 3.24
C LEU D 132 -27.00 18.15 2.96
N LEU D 133 -26.19 19.08 2.45
CA LEU D 133 -26.61 20.46 2.12
C LEU D 133 -27.72 21.06 2.99
#